data_8YGW
#
_entry.id   8YGW
#
_cell.length_a   39.061
_cell.length_b   61.860
_cell.length_c   147.437
_cell.angle_alpha   90.000
_cell.angle_beta   90.000
_cell.angle_gamma   90.000
#
_symmetry.space_group_name_H-M   'P 21 21 21'
#
loop_
_entity.id
_entity.type
_entity.pdbx_description
1 polymer 'Mitogen-activated protein kinase 11'
2 non-polymer 1-(5-TERT-BUTYL-2-P-TOLYL-2H-PYRAZOL-3-YL)-3-[4-(2-MORPHOLIN-4-YL-ETHOXY)-NAPHTHALEN-1-YL]-UREA
3 water water
#
_entity_poly.entity_id   1
_entity_poly.type   'polypeptide(L)'
_entity_poly.pdbx_seq_one_letter_code
;MSGPRAGFYRQELNKTVWEVPQRLQGLRPVGSGAYGSVCSAYDARLRQKVAVKKLSRPFQSLIHARRTYRELRLLKHLKH
ENVIGLLDVFTPATSIEDFSEVYLVTTLMGADLNNIVKCQALSDEHVQFLVYQLLRGLKYIHSAGIIHRDLKPSNVAVNE
DCELRILDFGLARQADEEMTGYVATRWYRAPEIMLNWMHYNQTVDIWSVGCIMAELLQGKALFPGSDYIDQLKRIMEVVG
TPSPEVLAKISSEHARTYIQSLPPMPQKDLSSIFRGANPLAIDLLGRMLVLDSDQRVSAAEALAHAYFSQYHDPEDEPEA
EPYDESVEAKERTLEEWKELTYQEVLSFKPPEPPKPPGSLEIEQ
;
_entity_poly.pdbx_strand_id   A
#
# COMPACT_ATOMS: atom_id res chain seq x y z
N ARG A 5 -8.22 1.10 -31.97
CA ARG A 5 -9.69 0.91 -32.13
C ARG A 5 -9.96 -0.26 -33.10
N ALA A 6 -9.03 -1.23 -33.14
CA ALA A 6 -9.15 -2.40 -34.00
C ALA A 6 -9.56 -3.61 -33.14
N GLY A 7 -10.86 -3.70 -32.86
CA GLY A 7 -11.38 -4.70 -31.94
C GLY A 7 -11.66 -4.11 -30.55
N PHE A 8 -11.51 -2.79 -30.41
CA PHE A 8 -11.83 -2.08 -29.18
C PHE A 8 -13.25 -1.54 -29.26
N TYR A 9 -13.75 -0.97 -28.15
CA TYR A 9 -15.03 -0.30 -28.15
C TYR A 9 -15.05 0.80 -27.09
N ARG A 10 -15.95 1.77 -27.27
CA ARG A 10 -15.97 2.99 -26.47
C ARG A 10 -17.22 3.03 -25.61
N GLN A 11 -17.03 3.36 -24.33
CA GLN A 11 -18.11 3.66 -23.40
C GLN A 11 -17.88 5.04 -22.80
N GLU A 12 -18.72 5.41 -21.82
CA GLU A 12 -18.44 6.54 -20.95
C GLU A 12 -18.78 6.17 -19.51
N LEU A 13 -17.75 5.80 -18.74
CA LEU A 13 -17.90 5.51 -17.32
C LEU A 13 -17.12 6.56 -16.53
N ASN A 14 -17.68 6.97 -15.37
CA ASN A 14 -17.13 8.04 -14.56
C ASN A 14 -17.13 9.34 -15.38
N LYS A 15 -18.07 9.44 -16.33
CA LYS A 15 -18.13 10.53 -17.29
C LYS A 15 -16.76 10.74 -17.94
N THR A 16 -16.20 9.65 -18.48
CA THR A 16 -14.98 9.71 -19.27
C THR A 16 -14.96 8.50 -20.21
N VAL A 17 -14.32 8.67 -21.38
CA VAL A 17 -14.33 7.67 -22.44
C VAL A 17 -13.42 6.50 -22.02
N TRP A 18 -13.87 5.28 -22.33
CA TRP A 18 -13.10 4.07 -22.04
C TRP A 18 -13.03 3.20 -23.28
N GLU A 19 -11.86 3.22 -23.95
CA GLU A 19 -11.61 2.34 -25.08
C GLU A 19 -10.89 1.10 -24.57
N VAL A 20 -11.52 -0.07 -24.75
CA VAL A 20 -10.96 -1.34 -24.29
C VAL A 20 -11.22 -2.40 -25.36
N PRO A 21 -10.40 -3.48 -25.40
CA PRO A 21 -10.72 -4.63 -26.26
C PRO A 21 -12.04 -5.29 -25.86
N GLN A 22 -12.65 -6.00 -26.81
CA GLN A 22 -14.01 -6.48 -26.69
C GLN A 22 -14.09 -7.71 -25.78
N ARG A 23 -12.92 -8.25 -25.37
CA ARG A 23 -12.89 -9.36 -24.43
C ARG A 23 -13.35 -8.91 -23.06
N LEU A 24 -13.12 -7.63 -22.73
CA LEU A 24 -13.55 -7.06 -21.45
C LEU A 24 -15.01 -6.65 -21.57
N GLN A 25 -15.87 -7.29 -20.76
CA GLN A 25 -17.31 -7.11 -20.86
C GLN A 25 -17.88 -6.74 -19.49
N GLY A 26 -18.74 -5.72 -19.48
CA GLY A 26 -19.52 -5.36 -18.31
C GLY A 26 -18.71 -4.56 -17.29
N LEU A 27 -18.20 -3.40 -17.73
CA LEU A 27 -17.43 -2.54 -16.85
C LEU A 27 -18.35 -1.84 -15.87
N ARG A 28 -18.17 -2.12 -14.57
CA ARG A 28 -18.87 -1.42 -13.51
C ARG A 28 -17.87 -0.62 -12.70
N PRO A 29 -17.90 0.74 -12.75
CA PRO A 29 -16.93 1.55 -12.00
C PRO A 29 -16.90 1.21 -10.52
N VAL A 30 -15.69 0.87 -10.04
CA VAL A 30 -15.43 0.67 -8.63
C VAL A 30 -15.17 2.04 -8.02
N GLY A 31 -14.21 2.77 -8.61
CA GLY A 31 -13.86 4.12 -8.20
C GLY A 31 -13.34 4.96 -9.35
N SER A 37 -9.76 6.49 -12.23
CA SER A 37 -10.92 5.63 -12.61
C SER A 37 -10.51 4.17 -12.55
N VAL A 38 -11.37 3.34 -11.94
CA VAL A 38 -11.19 1.89 -11.93
C VAL A 38 -12.55 1.24 -12.15
N CYS A 39 -12.58 0.18 -12.97
CA CYS A 39 -13.81 -0.50 -13.31
C CYS A 39 -13.65 -2.01 -13.13
N SER A 40 -14.76 -2.65 -12.74
CA SER A 40 -14.88 -4.10 -12.77
C SER A 40 -14.98 -4.56 -14.22
N ALA A 41 -14.98 -5.88 -14.44
CA ALA A 41 -15.19 -6.45 -15.76
C ALA A 41 -15.04 -7.96 -15.72
N TYR A 42 -15.60 -8.63 -16.73
CA TYR A 42 -15.34 -10.03 -17.00
C TYR A 42 -14.48 -10.12 -18.26
N ASP A 43 -13.40 -10.90 -18.19
CA ASP A 43 -12.56 -11.16 -19.35
C ASP A 43 -13.09 -12.41 -20.04
N ALA A 44 -13.37 -12.30 -21.34
CA ALA A 44 -13.99 -13.37 -22.11
C ALA A 44 -12.96 -14.45 -22.44
N ARG A 45 -11.76 -14.02 -22.85
CA ARG A 45 -10.69 -14.93 -23.23
C ARG A 45 -10.11 -15.62 -21.98
N LEU A 46 -9.82 -14.83 -20.95
CA LEU A 46 -9.24 -15.34 -19.71
C LEU A 46 -10.30 -16.02 -18.86
N ARG A 47 -11.59 -15.72 -19.11
CA ARG A 47 -12.71 -16.37 -18.46
C ARG A 47 -12.61 -16.22 -16.94
N GLN A 48 -12.45 -14.97 -16.48
CA GLN A 48 -12.44 -14.68 -15.06
C GLN A 48 -12.74 -13.20 -14.83
N LYS A 49 -13.00 -12.85 -13.56
CA LYS A 49 -13.30 -11.48 -13.17
C LYS A 49 -12.00 -10.70 -13.09
N VAL A 50 -12.01 -9.47 -13.63
CA VAL A 50 -10.81 -8.65 -13.71
C VAL A 50 -11.16 -7.19 -13.41
N ALA A 51 -10.20 -6.48 -12.82
CA ALA A 51 -10.31 -5.04 -12.59
C ALA A 51 -9.40 -4.31 -13.57
N VAL A 52 -9.80 -3.09 -13.95
CA VAL A 52 -9.08 -2.31 -14.96
C VAL A 52 -8.88 -0.90 -14.44
N LYS A 53 -7.66 -0.36 -14.64
CA LYS A 53 -7.31 0.96 -14.16
C LYS A 53 -6.87 1.83 -15.33
N LYS A 54 -7.76 2.72 -15.78
CA LYS A 54 -7.42 3.72 -16.79
C LYS A 54 -6.68 4.86 -16.10
N LEU A 55 -5.42 5.10 -16.51
CA LEU A 55 -4.61 6.16 -15.94
C LEU A 55 -5.11 7.51 -16.47
N SER A 56 -5.12 8.51 -15.57
CA SER A 56 -5.63 9.83 -15.87
C SER A 56 -4.62 10.63 -16.69
N ARG A 57 -4.97 10.93 -17.94
CA ARG A 57 -4.15 11.75 -18.82
C ARG A 57 -2.68 11.45 -18.56
N PRO A 58 -2.23 10.20 -18.85
CA PRO A 58 -0.92 9.72 -18.39
C PRO A 58 0.31 10.50 -18.84
N PHE A 59 0.19 11.28 -19.93
CA PHE A 59 1.34 11.98 -20.49
C PHE A 59 1.10 13.47 -20.62
N GLN A 60 0.17 14.02 -19.83
CA GLN A 60 -0.12 15.45 -19.88
C GLN A 60 1.07 16.23 -19.32
N SER A 61 1.74 15.67 -18.31
CA SER A 61 2.84 16.32 -17.63
C SER A 61 4.00 15.35 -17.47
N LEU A 62 5.18 15.88 -17.11
CA LEU A 62 6.38 15.06 -16.95
C LEU A 62 6.19 14.10 -15.77
N ILE A 63 5.54 14.59 -14.71
CA ILE A 63 5.38 13.84 -13.47
C ILE A 63 4.40 12.69 -13.72
N HIS A 64 3.31 12.97 -14.44
CA HIS A 64 2.35 11.96 -14.84
C HIS A 64 3.03 10.88 -15.68
N ALA A 65 3.99 11.29 -16.51
CA ALA A 65 4.72 10.37 -17.38
C ALA A 65 5.65 9.47 -16.58
N ARG A 66 6.24 10.01 -15.50
CA ARG A 66 7.10 9.25 -14.61
C ARG A 66 6.27 8.25 -13.79
N ARG A 67 5.14 8.73 -13.27
CA ARG A 67 4.25 7.94 -12.44
C ARG A 67 3.56 6.85 -13.28
N THR A 68 3.30 7.17 -14.55
CA THR A 68 2.75 6.21 -15.49
C THR A 68 3.78 5.12 -15.77
N TYR A 69 5.05 5.53 -15.96
CA TYR A 69 6.13 4.60 -16.23
C TYR A 69 6.40 3.72 -15.01
N ARG A 70 6.53 4.37 -13.84
CA ARG A 70 6.94 3.68 -12.63
C ARG A 70 5.93 2.58 -12.30
N GLU A 71 4.65 2.94 -12.24
CA GLU A 71 3.59 2.01 -11.88
C GLU A 71 3.67 0.75 -12.74
N LEU A 72 3.81 0.94 -14.05
CA LEU A 72 3.92 -0.15 -15.00
C LEU A 72 5.17 -0.98 -14.71
N ARG A 73 6.32 -0.31 -14.63
CA ARG A 73 7.60 -0.95 -14.38
C ARG A 73 7.56 -1.73 -13.06
N LEU A 74 6.81 -1.21 -12.09
CA LEU A 74 6.86 -1.68 -10.72
C LEU A 74 5.98 -2.91 -10.53
N LEU A 75 4.81 -2.93 -11.19
CA LEU A 75 3.87 -4.05 -11.10
C LEU A 75 4.40 -5.24 -11.89
N LYS A 76 5.17 -4.97 -12.94
CA LYS A 76 5.80 -6.01 -13.75
C LYS A 76 6.94 -6.65 -12.98
N HIS A 77 7.73 -5.82 -12.26
CA HIS A 77 8.87 -6.29 -11.50
C HIS A 77 8.41 -7.19 -10.35
N LEU A 78 7.48 -6.68 -9.54
CA LEU A 78 7.03 -7.36 -8.34
C LEU A 78 6.01 -8.44 -8.70
N LYS A 79 6.37 -9.69 -8.40
CA LYS A 79 5.50 -10.84 -8.63
C LYS A 79 5.49 -11.74 -7.40
N HIS A 80 4.39 -11.66 -6.64
CA HIS A 80 4.25 -12.32 -5.35
C HIS A 80 2.77 -12.56 -5.10
N GLU A 81 2.46 -13.55 -4.25
CA GLU A 81 1.08 -13.92 -3.97
C GLU A 81 0.36 -12.72 -3.36
N ASN A 82 0.93 -12.20 -2.27
CA ASN A 82 0.32 -11.13 -1.50
C ASN A 82 0.71 -9.75 -2.04
N VAL A 83 0.89 -9.64 -3.36
CA VAL A 83 1.05 -8.35 -4.00
C VAL A 83 0.22 -8.35 -5.28
N ILE A 84 -0.29 -7.17 -5.65
CA ILE A 84 -1.00 -6.98 -6.91
C ILE A 84 -0.06 -7.34 -8.06
N GLY A 85 -0.62 -8.00 -9.08
CA GLY A 85 0.13 -8.40 -10.26
C GLY A 85 -0.66 -8.14 -11.54
N LEU A 86 0.06 -7.74 -12.60
CA LEU A 86 -0.57 -7.44 -13.88
C LEU A 86 -0.99 -8.72 -14.59
N LEU A 87 -2.26 -8.77 -15.00
CA LEU A 87 -2.73 -9.77 -15.94
C LEU A 87 -2.48 -9.29 -17.36
N ASP A 88 -2.69 -7.99 -17.60
CA ASP A 88 -2.57 -7.43 -18.94
C ASP A 88 -2.40 -5.91 -18.87
N VAL A 89 -1.79 -5.37 -19.93
CA VAL A 89 -1.69 -3.94 -20.17
C VAL A 89 -2.01 -3.70 -21.65
N PHE A 90 -2.60 -2.55 -21.96
CA PHE A 90 -2.90 -2.23 -23.35
C PHE A 90 -3.09 -0.72 -23.52
N THR A 91 -3.26 -0.32 -24.78
CA THR A 91 -3.65 1.03 -25.14
C THR A 91 -4.54 0.97 -26.39
N PRO A 92 -5.49 1.91 -26.56
CA PRO A 92 -6.22 2.05 -27.83
C PRO A 92 -5.46 2.89 -28.86
N ALA A 93 -4.18 2.55 -29.06
CA ALA A 93 -3.26 3.38 -29.84
C ALA A 93 -2.45 2.49 -30.78
N THR A 94 -2.44 2.88 -32.06
CA THR A 94 -1.79 2.11 -33.12
C THR A 94 -0.40 2.66 -33.41
N SER A 95 -0.02 3.77 -32.76
CA SER A 95 1.28 4.38 -32.96
C SER A 95 1.59 5.29 -31.77
N ILE A 96 2.77 5.93 -31.81
CA ILE A 96 3.23 6.77 -30.70
C ILE A 96 2.55 8.13 -30.78
N GLU A 97 2.05 8.51 -31.96
CA GLU A 97 1.37 9.78 -32.13
C GLU A 97 0.05 9.77 -31.36
N ASP A 98 -0.74 8.70 -31.54
CA ASP A 98 -2.05 8.59 -30.93
C ASP A 98 -1.97 7.76 -29.65
N PHE A 99 -0.77 7.64 -29.07
CA PHE A 99 -0.60 7.05 -27.75
C PHE A 99 -0.86 8.11 -26.69
N SER A 100 -2.02 8.06 -26.05
CA SER A 100 -2.41 9.06 -25.05
C SER A 100 -3.06 8.44 -23.82
N GLU A 101 -3.43 7.15 -23.88
CA GLU A 101 -4.18 6.52 -22.80
C GLU A 101 -3.54 5.17 -22.46
N VAL A 102 -3.54 4.84 -21.15
CA VAL A 102 -2.98 3.59 -20.65
C VAL A 102 -4.01 2.91 -19.75
N TYR A 103 -4.08 1.57 -19.85
CA TYR A 103 -5.00 0.76 -19.05
C TYR A 103 -4.24 -0.41 -18.43
N LEU A 104 -4.37 -0.57 -17.11
CA LEU A 104 -3.77 -1.67 -16.37
C LEU A 104 -4.86 -2.64 -15.94
N VAL A 105 -4.55 -3.94 -15.92
CA VAL A 105 -5.55 -4.97 -15.71
C VAL A 105 -5.02 -6.01 -14.72
N THR A 106 -5.83 -6.36 -13.71
CA THR A 106 -5.49 -7.38 -12.73
C THR A 106 -6.73 -8.20 -12.37
N THR A 107 -6.52 -9.23 -11.54
CA THR A 107 -7.60 -10.06 -11.03
C THR A 107 -8.42 -9.28 -10.00
N LEU A 108 -9.73 -9.52 -9.99
CA LEU A 108 -10.64 -8.92 -9.02
C LEU A 108 -10.47 -9.62 -7.68
N MET A 109 -10.00 -8.88 -6.68
CA MET A 109 -9.61 -9.44 -5.39
C MET A 109 -10.78 -9.36 -4.40
N GLY A 110 -11.94 -8.87 -4.87
CA GLY A 110 -13.15 -8.84 -4.04
C GLY A 110 -13.35 -7.46 -3.40
N ALA A 111 -12.94 -7.34 -2.13
CA ALA A 111 -13.17 -6.13 -1.35
C ALA A 111 -11.84 -5.61 -0.80
N ASP A 112 -11.89 -4.42 -0.19
CA ASP A 112 -10.76 -3.88 0.55
C ASP A 112 -10.85 -4.39 1.99
N LEU A 113 -9.96 -3.89 2.86
CA LEU A 113 -9.82 -4.40 4.21
C LEU A 113 -10.86 -3.78 5.14
N ASN A 114 -11.40 -2.61 4.76
CA ASN A 114 -12.42 -1.93 5.54
C ASN A 114 -13.71 -2.76 5.57
N ASN A 115 -14.07 -3.36 4.43
CA ASN A 115 -15.30 -4.14 4.29
C ASN A 115 -15.31 -5.30 5.26
N ILE A 116 -14.15 -5.93 5.46
CA ILE A 116 -14.04 -7.12 6.29
C ILE A 116 -14.34 -6.74 7.74
N VAL A 117 -13.75 -5.63 8.20
CA VAL A 117 -13.88 -5.17 9.59
C VAL A 117 -15.30 -4.67 9.83
N LYS A 118 -15.81 -3.83 8.92
CA LYS A 118 -17.16 -3.29 8.99
C LYS A 118 -18.15 -4.42 9.24
N CYS A 119 -18.07 -5.46 8.41
CA CYS A 119 -19.11 -6.47 8.32
C CYS A 119 -18.97 -7.52 9.43
N GLN A 120 -17.74 -8.00 9.65
CA GLN A 120 -17.52 -9.17 10.50
C GLN A 120 -16.30 -8.93 11.40
N ALA A 121 -16.51 -9.00 12.72
CA ALA A 121 -15.44 -8.82 13.70
C ALA A 121 -14.56 -10.07 13.72
N LEU A 122 -13.36 -9.96 13.14
CA LEU A 122 -12.51 -11.10 12.84
C LEU A 122 -11.98 -11.73 14.13
N SER A 123 -11.85 -13.06 14.12
CA SER A 123 -11.25 -13.81 15.22
C SER A 123 -9.75 -13.56 15.24
N ASP A 124 -9.08 -14.10 16.26
CA ASP A 124 -7.64 -13.99 16.37
C ASP A 124 -6.96 -14.91 15.35
N GLU A 125 -7.71 -15.91 14.88
CA GLU A 125 -7.23 -16.84 13.86
C GLU A 125 -7.13 -16.12 12.51
N HIS A 126 -8.23 -15.44 12.13
CA HIS A 126 -8.28 -14.68 10.89
C HIS A 126 -7.22 -13.58 10.88
N VAL A 127 -7.12 -12.85 11.99
CA VAL A 127 -6.21 -11.72 12.11
C VAL A 127 -4.77 -12.20 11.91
N GLN A 128 -4.40 -13.31 12.56
CA GLN A 128 -3.09 -13.90 12.38
C GLN A 128 -2.77 -14.01 10.89
N PHE A 129 -3.71 -14.55 10.12
CA PHE A 129 -3.46 -14.91 8.73
C PHE A 129 -3.41 -13.65 7.85
N LEU A 130 -4.15 -12.60 8.25
CA LEU A 130 -4.26 -11.38 7.45
C LEU A 130 -2.98 -10.55 7.57
N VAL A 131 -2.44 -10.44 8.78
CA VAL A 131 -1.24 -9.67 9.03
C VAL A 131 -0.04 -10.43 8.47
N TYR A 132 -0.06 -11.76 8.64
CA TYR A 132 0.97 -12.64 8.11
C TYR A 132 1.22 -12.35 6.63
N GLN A 133 0.14 -12.35 5.85
CA GLN A 133 0.20 -12.11 4.42
C GLN A 133 0.68 -10.69 4.12
N LEU A 134 0.25 -9.75 4.96
CA LEU A 134 0.53 -8.33 4.77
C LEU A 134 2.02 -8.06 4.98
N LEU A 135 2.62 -8.81 5.92
CA LEU A 135 4.04 -8.74 6.21
C LEU A 135 4.84 -9.53 5.17
N ARG A 136 4.40 -10.76 4.91
CA ARG A 136 5.01 -11.63 3.91
C ARG A 136 5.06 -10.90 2.57
N GLY A 137 4.00 -10.15 2.27
CA GLY A 137 3.93 -9.33 1.08
C GLY A 137 4.91 -8.15 1.15
N LEU A 138 4.97 -7.49 2.31
CA LEU A 138 5.81 -6.30 2.48
C LEU A 138 7.28 -6.71 2.53
N LYS A 139 7.57 -7.90 3.05
CA LYS A 139 8.92 -8.45 3.04
C LYS A 139 9.43 -8.53 1.61
N TYR A 140 8.53 -8.90 0.69
CA TYR A 140 8.84 -8.94 -0.73
C TYR A 140 9.15 -7.55 -1.25
N ILE A 141 8.28 -6.58 -0.95
CA ILE A 141 8.36 -5.24 -1.50
C ILE A 141 9.60 -4.53 -0.94
N HIS A 142 9.82 -4.65 0.37
CA HIS A 142 10.96 -4.05 1.04
C HIS A 142 12.28 -4.61 0.49
N SER A 143 12.30 -5.92 0.24
CA SER A 143 13.49 -6.60 -0.27
C SER A 143 13.83 -6.10 -1.68
N ALA A 144 12.80 -5.67 -2.42
CA ALA A 144 12.99 -5.09 -3.75
C ALA A 144 13.70 -3.74 -3.64
N GLY A 145 13.58 -3.08 -2.48
CA GLY A 145 14.08 -1.73 -2.27
C GLY A 145 12.99 -0.70 -2.58
N ILE A 146 11.77 -1.02 -2.13
CA ILE A 146 10.57 -0.24 -2.42
C ILE A 146 9.83 0.01 -1.11
N ILE A 147 9.27 1.22 -0.99
CA ILE A 147 8.49 1.61 0.17
C ILE A 147 7.09 1.99 -0.32
N HIS A 148 6.07 1.62 0.47
CA HIS A 148 4.68 1.90 0.12
C HIS A 148 4.37 3.36 0.40
N ARG A 149 4.69 3.80 1.63
CA ARG A 149 4.53 5.19 2.06
C ARG A 149 3.06 5.56 2.23
N ASP A 150 2.14 4.61 1.96
CA ASP A 150 0.73 4.86 2.17
C ASP A 150 0.01 3.51 2.34
N LEU A 151 0.52 2.70 3.26
CA LEU A 151 -0.12 1.43 3.60
C LEU A 151 -1.30 1.73 4.52
N LYS A 152 -2.47 1.18 4.17
CA LYS A 152 -3.72 1.50 4.86
C LYS A 152 -4.80 0.53 4.39
N PRO A 153 -5.93 0.41 5.13
CA PRO A 153 -6.99 -0.53 4.79
C PRO A 153 -7.46 -0.54 3.34
N SER A 154 -7.60 0.65 2.76
CA SER A 154 -8.18 0.81 1.42
C SER A 154 -7.13 0.60 0.33
N ASN A 155 -5.88 0.34 0.72
CA ASN A 155 -4.82 -0.03 -0.20
C ASN A 155 -4.44 -1.50 0.00
N VAL A 156 -5.41 -2.31 0.44
CA VAL A 156 -5.18 -3.71 0.75
C VAL A 156 -6.47 -4.48 0.44
N ALA A 157 -6.42 -5.29 -0.63
CA ALA A 157 -7.57 -6.07 -1.07
C ALA A 157 -7.57 -7.43 -0.37
N VAL A 158 -8.77 -7.94 -0.09
CA VAL A 158 -8.92 -9.24 0.56
C VAL A 158 -9.96 -10.06 -0.20
N ASN A 159 -9.56 -11.28 -0.57
CA ASN A 159 -10.43 -12.27 -1.18
C ASN A 159 -11.31 -12.89 -0.10
N GLU A 160 -12.43 -13.49 -0.52
CA GLU A 160 -13.36 -14.11 0.41
C GLU A 160 -12.71 -15.29 1.15
N ASP A 161 -11.62 -15.84 0.58
CA ASP A 161 -10.86 -16.89 1.25
C ASP A 161 -9.85 -16.29 2.23
N CYS A 162 -9.94 -14.98 2.47
CA CYS A 162 -8.95 -14.24 3.25
C CYS A 162 -7.58 -14.29 2.59
N GLU A 163 -7.56 -14.23 1.25
CA GLU A 163 -6.33 -14.02 0.50
C GLU A 163 -6.07 -12.52 0.46
N LEU A 164 -4.82 -12.11 0.68
CA LEU A 164 -4.50 -10.69 0.81
C LEU A 164 -3.59 -10.26 -0.34
N ARG A 165 -3.75 -9.00 -0.77
CA ARG A 165 -2.87 -8.40 -1.77
C ARG A 165 -2.70 -6.90 -1.50
N ILE A 166 -1.44 -6.46 -1.53
CA ILE A 166 -1.08 -5.07 -1.31
C ILE A 166 -1.17 -4.34 -2.65
N LEU A 167 -1.57 -3.07 -2.61
CA LEU A 167 -1.65 -2.22 -3.80
C LEU A 167 -1.50 -0.77 -3.39
N ASP A 168 -1.47 0.13 -4.39
CA ASP A 168 -1.46 1.56 -4.16
C ASP A 168 -2.50 2.18 -5.10
N PHE A 169 -3.66 2.51 -4.54
CA PHE A 169 -4.77 3.04 -5.30
C PHE A 169 -4.37 4.43 -5.82
N GLY A 170 -4.05 5.33 -4.89
CA GLY A 170 -3.60 6.68 -5.23
C GLY A 170 -4.74 7.55 -5.73
N ALA A 184 -8.72 8.65 6.45
CA ALA A 184 -7.58 9.49 6.04
C ALA A 184 -6.28 8.70 6.18
N THR A 185 -5.25 9.11 5.43
CA THR A 185 -3.96 8.45 5.42
C THR A 185 -3.27 8.60 6.76
N ARG A 186 -3.39 9.80 7.36
CA ARG A 186 -2.61 10.19 8.52
C ARG A 186 -2.86 9.24 9.70
N TRP A 187 -3.99 8.53 9.67
CA TRP A 187 -4.35 7.58 10.71
C TRP A 187 -3.30 6.47 10.82
N TYR A 188 -2.85 5.96 9.66
CA TYR A 188 -1.94 4.83 9.61
C TYR A 188 -0.54 5.29 9.22
N ARG A 189 -0.30 6.60 9.31
CA ARG A 189 0.95 7.19 8.86
C ARG A 189 1.93 7.23 10.02
N ALA A 190 3.21 6.95 9.70
CA ALA A 190 4.29 7.00 10.68
C ALA A 190 4.58 8.45 11.06
N PRO A 191 4.99 8.72 12.33
CA PRO A 191 5.33 10.08 12.76
C PRO A 191 6.36 10.80 11.89
N GLU A 192 7.48 10.13 11.61
CA GLU A 192 8.62 10.75 10.94
C GLU A 192 8.22 11.27 9.55
N ILE A 193 7.18 10.69 8.94
CA ILE A 193 6.68 11.16 7.65
C ILE A 193 5.94 12.47 7.87
N MET A 194 5.09 12.52 8.90
CA MET A 194 4.35 13.72 9.22
C MET A 194 5.31 14.80 9.71
N LEU A 195 6.36 14.39 10.44
CA LEU A 195 7.33 15.31 11.03
C LEU A 195 8.40 15.71 10.01
N ASN A 196 8.32 15.17 8.78
CA ASN A 196 9.24 15.50 7.71
C ASN A 196 10.67 15.19 8.17
N TRP A 197 10.99 13.89 8.22
CA TRP A 197 12.33 13.41 8.54
C TRP A 197 13.19 13.42 7.27
N MET A 198 12.56 13.13 6.13
CA MET A 198 13.17 13.27 4.81
C MET A 198 14.31 12.27 4.62
N HIS A 199 14.49 11.37 5.60
CA HIS A 199 15.46 10.29 5.52
C HIS A 199 14.86 9.05 6.19
N TYR A 200 13.55 8.85 5.97
CA TYR A 200 12.85 7.72 6.56
C TYR A 200 13.10 6.48 5.71
N ASN A 201 13.12 5.32 6.37
CA ASN A 201 13.42 4.06 5.71
C ASN A 201 12.13 3.24 5.62
N GLN A 202 12.29 1.92 5.43
CA GLN A 202 11.20 1.05 5.01
C GLN A 202 10.22 0.81 6.16
N THR A 203 10.68 1.05 7.40
CA THR A 203 9.93 0.69 8.59
C THR A 203 8.78 1.67 8.85
N VAL A 204 8.66 2.71 8.02
CA VAL A 204 7.51 3.60 8.09
C VAL A 204 6.23 2.79 7.87
N ASP A 205 6.31 1.80 6.99
CA ASP A 205 5.16 0.97 6.65
C ASP A 205 4.86 0.03 7.81
N ILE A 206 5.90 -0.39 8.56
CA ILE A 206 5.70 -1.29 9.69
C ILE A 206 4.86 -0.61 10.76
N TRP A 207 5.03 0.72 10.90
CA TRP A 207 4.15 1.49 11.77
C TRP A 207 2.70 1.35 11.28
N SER A 208 2.52 1.48 9.96
CA SER A 208 1.20 1.39 9.35
C SER A 208 0.56 0.05 9.64
N VAL A 209 1.34 -1.04 9.51
CA VAL A 209 0.81 -2.38 9.70
C VAL A 209 0.22 -2.48 11.11
N GLY A 210 0.94 -1.92 12.09
CA GLY A 210 0.50 -1.92 13.49
C GLY A 210 -0.85 -1.24 13.68
N CYS A 211 -1.04 -0.10 13.01
CA CYS A 211 -2.26 0.68 13.07
C CYS A 211 -3.42 -0.09 12.45
N ILE A 212 -3.11 -0.86 11.39
CA ILE A 212 -4.08 -1.68 10.69
C ILE A 212 -4.43 -2.90 11.55
N MET A 213 -3.40 -3.53 12.12
CA MET A 213 -3.55 -4.75 12.90
C MET A 213 -4.34 -4.45 14.17
N ALA A 214 -4.07 -3.30 14.79
CA ALA A 214 -4.79 -2.85 15.99
C ALA A 214 -6.27 -2.68 15.65
N GLU A 215 -6.55 -2.10 14.49
CA GLU A 215 -7.91 -1.83 14.05
C GLU A 215 -8.63 -3.15 13.78
N LEU A 216 -7.90 -4.19 13.35
CA LEU A 216 -8.47 -5.50 13.13
C LEU A 216 -9.00 -6.08 14.44
N LEU A 217 -8.21 -5.91 15.51
CA LEU A 217 -8.55 -6.45 16.82
C LEU A 217 -9.72 -5.68 17.41
N GLN A 218 -9.57 -4.36 17.51
CA GLN A 218 -10.54 -3.50 18.18
C GLN A 218 -11.76 -3.29 17.27
N GLY A 219 -11.55 -3.37 15.96
CA GLY A 219 -12.62 -3.13 14.99
C GLY A 219 -12.86 -1.64 14.76
N LYS A 220 -11.82 -0.84 15.00
CA LYS A 220 -11.91 0.61 14.92
C LYS A 220 -10.51 1.21 14.91
N ALA A 221 -10.36 2.34 14.22
CA ALA A 221 -9.08 2.97 13.99
C ALA A 221 -8.39 3.28 15.33
N LEU A 222 -7.07 3.06 15.37
CA LEU A 222 -6.28 3.27 16.57
C LEU A 222 -6.12 4.78 16.81
N PHE A 223 -5.64 5.50 15.79
CA PHE A 223 -5.40 6.93 15.91
C PHE A 223 -6.20 7.68 14.85
N PRO A 224 -7.53 7.86 15.03
CA PRO A 224 -8.33 8.65 14.09
C PRO A 224 -8.22 10.15 14.37
N GLY A 225 -7.06 10.73 14.05
CA GLY A 225 -6.80 12.13 14.30
C GLY A 225 -7.62 13.02 13.37
N SER A 226 -8.33 14.00 13.95
CA SER A 226 -9.22 14.87 13.20
C SER A 226 -8.42 15.92 12.41
N ASP A 227 -7.16 16.12 12.80
CA ASP A 227 -6.27 17.03 12.08
C ASP A 227 -4.83 16.55 12.28
N TYR A 228 -3.86 17.40 11.91
CA TYR A 228 -2.45 17.08 12.02
C TYR A 228 -2.02 16.97 13.47
N ILE A 229 -2.41 17.96 14.29
CA ILE A 229 -2.02 18.03 15.68
C ILE A 229 -2.71 16.91 16.47
N ASP A 230 -4.03 16.79 16.29
CA ASP A 230 -4.82 15.78 17.00
C ASP A 230 -4.27 14.39 16.69
N GLN A 231 -3.73 14.21 15.48
CA GLN A 231 -3.11 12.96 15.09
C GLN A 231 -1.93 12.66 16.00
N LEU A 232 -1.07 13.66 16.21
CA LEU A 232 0.14 13.52 17.02
C LEU A 232 -0.22 13.37 18.50
N LYS A 233 -1.33 14.02 18.93
CA LYS A 233 -1.75 13.98 20.32
C LYS A 233 -2.23 12.58 20.70
N ARG A 234 -2.81 11.86 19.72
CA ARG A 234 -3.30 10.51 19.95
C ARG A 234 -2.15 9.51 19.96
N ILE A 235 -1.16 9.72 19.08
CA ILE A 235 0.02 8.86 18.98
C ILE A 235 0.89 9.04 20.22
N MET A 236 0.91 10.25 20.77
CA MET A 236 1.79 10.59 21.89
C MET A 236 1.19 10.10 23.21
N GLU A 237 -0.12 9.79 23.21
CA GLU A 237 -0.78 9.29 24.41
C GLU A 237 -0.46 7.82 24.62
N VAL A 238 -0.53 7.03 23.55
CA VAL A 238 -0.36 5.58 23.63
C VAL A 238 1.13 5.25 23.70
N VAL A 239 1.89 5.78 22.72
CA VAL A 239 3.30 5.44 22.58
C VAL A 239 4.13 6.33 23.51
N GLY A 240 3.52 7.40 24.03
CA GLY A 240 4.16 8.24 25.02
C GLY A 240 5.04 9.32 24.40
N THR A 241 5.54 10.23 25.25
CA THR A 241 6.41 11.31 24.83
C THR A 241 7.81 10.75 24.59
N PRO A 242 8.44 11.04 23.43
CA PRO A 242 9.80 10.58 23.15
C PRO A 242 10.84 11.42 23.89
N SER A 243 12.05 10.85 24.06
CA SER A 243 13.15 11.60 24.65
C SER A 243 13.61 12.66 23.66
N PRO A 244 14.27 13.76 24.13
CA PRO A 244 14.87 14.75 23.23
C PRO A 244 15.89 14.14 22.27
N GLU A 245 16.53 13.04 22.70
CA GLU A 245 17.49 12.31 21.89
C GLU A 245 16.77 11.57 20.76
N VAL A 246 15.62 10.97 21.07
CA VAL A 246 14.86 10.19 20.11
C VAL A 246 14.01 11.11 19.24
N LEU A 247 13.57 12.25 19.82
CA LEU A 247 12.78 13.24 19.09
C LEU A 247 13.63 13.96 18.04
N ALA A 248 14.95 13.97 18.23
CA ALA A 248 15.86 14.71 17.37
C ALA A 248 16.26 13.89 16.14
N LYS A 249 15.84 12.62 16.08
CA LYS A 249 16.22 11.74 14.99
C LYS A 249 14.97 11.25 14.23
N ILE A 250 13.84 11.96 14.38
CA ILE A 250 12.62 11.60 13.67
C ILE A 250 11.90 12.85 13.16
N SER A 251 12.57 14.01 13.13
CA SER A 251 11.91 15.26 12.83
C SER A 251 12.92 16.33 12.39
N SER A 252 12.45 17.24 11.54
CA SER A 252 13.21 18.43 11.16
C SER A 252 13.25 19.41 12.32
N GLU A 253 14.08 20.46 12.19
CA GLU A 253 14.22 21.47 13.23
C GLU A 253 12.90 22.21 13.45
N HIS A 254 12.11 22.35 12.38
CA HIS A 254 10.84 23.07 12.42
C HIS A 254 9.73 22.20 13.03
N ALA A 255 9.81 20.88 12.79
CA ALA A 255 8.75 19.96 13.17
C ALA A 255 8.76 19.67 14.68
N ARG A 256 9.90 19.93 15.34
CA ARG A 256 10.09 19.61 16.75
C ARG A 256 9.23 20.50 17.64
N THR A 257 8.96 21.73 17.20
CA THR A 257 8.21 22.70 18.00
C THR A 257 6.75 22.27 18.17
N TYR A 258 6.27 21.39 17.27
CA TYR A 258 4.92 20.89 17.33
C TYR A 258 4.77 19.87 18.46
N ILE A 259 5.83 19.09 18.70
CA ILE A 259 5.82 18.04 19.72
C ILE A 259 6.10 18.65 21.09
N GLN A 260 7.01 19.63 21.14
CA GLN A 260 7.40 20.29 22.39
C GLN A 260 6.22 21.09 22.94
N SER A 261 5.40 21.65 22.03
CA SER A 261 4.19 22.38 22.38
C SER A 261 3.27 21.51 23.26
N LEU A 262 3.16 20.23 22.90
CA LEU A 262 2.26 19.31 23.58
C LEU A 262 2.80 19.04 24.99
N PRO A 263 1.92 18.77 25.98
CA PRO A 263 2.36 18.53 27.36
C PRO A 263 3.02 17.16 27.53
N PRO A 264 3.70 16.90 28.68
CA PRO A 264 4.33 15.61 28.92
C PRO A 264 3.29 14.52 29.20
N MET A 265 3.31 13.47 28.38
CA MET A 265 2.34 12.37 28.49
C MET A 265 3.10 11.05 28.62
N PRO A 266 2.72 10.19 29.59
CA PRO A 266 3.43 8.93 29.82
C PRO A 266 3.07 7.84 28.81
N GLN A 267 3.89 6.78 28.76
CA GLN A 267 3.66 5.65 27.89
C GLN A 267 2.58 4.76 28.48
N LYS A 268 1.65 4.32 27.63
CA LYS A 268 0.57 3.42 28.06
C LYS A 268 0.92 1.99 27.68
N ASP A 269 0.63 1.07 28.61
CA ASP A 269 0.86 -0.36 28.41
C ASP A 269 -0.25 -0.92 27.53
N LEU A 270 0.14 -1.56 26.43
CA LEU A 270 -0.80 -1.98 25.39
C LEU A 270 -1.82 -2.97 25.94
N SER A 271 -1.42 -3.78 26.92
CA SER A 271 -2.28 -4.77 27.54
C SER A 271 -3.57 -4.13 28.05
N SER A 272 -3.44 -2.92 28.60
CA SER A 272 -4.59 -2.19 29.13
C SER A 272 -5.47 -1.66 28.00
N ILE A 273 -4.86 -1.33 26.85
CA ILE A 273 -5.61 -0.88 25.69
C ILE A 273 -6.33 -2.08 25.07
N PHE A 274 -5.53 -3.05 24.59
CA PHE A 274 -6.07 -4.21 23.90
C PHE A 274 -6.46 -5.27 24.93
N ARG A 275 -7.55 -5.00 25.65
CA ARG A 275 -8.05 -5.89 26.68
C ARG A 275 -8.59 -7.15 26.03
N GLY A 276 -8.27 -8.30 26.64
CA GLY A 276 -8.73 -9.60 26.14
C GLY A 276 -8.22 -9.88 24.73
N ALA A 277 -7.02 -9.35 24.42
CA ALA A 277 -6.36 -9.67 23.16
C ALA A 277 -5.35 -10.79 23.41
N ASN A 278 -4.92 -11.43 22.33
CA ASN A 278 -3.89 -12.45 22.41
C ASN A 278 -2.61 -11.78 22.92
N PRO A 279 -2.05 -12.21 24.08
CA PRO A 279 -0.78 -11.68 24.56
C PRO A 279 0.31 -11.53 23.51
N LEU A 280 0.35 -12.47 22.54
CA LEU A 280 1.32 -12.43 21.46
C LEU A 280 1.04 -11.25 20.53
N ALA A 281 -0.25 -11.01 20.25
CA ALA A 281 -0.67 -9.92 19.37
C ALA A 281 -0.30 -8.58 19.99
N ILE A 282 -0.45 -8.47 21.31
CA ILE A 282 -0.12 -7.25 22.03
C ILE A 282 1.40 -7.05 21.98
N ASP A 283 2.15 -8.14 22.19
CA ASP A 283 3.60 -8.11 22.17
C ASP A 283 4.10 -7.53 20.84
N LEU A 284 3.53 -8.02 19.74
CA LEU A 284 3.99 -7.66 18.40
C LEU A 284 3.67 -6.19 18.10
N LEU A 285 2.55 -5.69 18.61
CA LEU A 285 2.17 -4.29 18.42
C LEU A 285 3.17 -3.37 19.10
N GLY A 286 3.69 -3.79 20.25
CA GLY A 286 4.71 -3.03 20.98
C GLY A 286 6.01 -2.91 20.18
N ARG A 287 6.25 -3.86 19.28
CA ARG A 287 7.47 -3.90 18.48
C ARG A 287 7.26 -3.23 17.12
N MET A 288 6.02 -2.82 16.83
CA MET A 288 5.67 -2.18 15.56
C MET A 288 5.41 -0.70 15.79
N LEU A 289 4.57 -0.40 16.79
CA LEU A 289 4.22 0.98 17.14
C LEU A 289 5.27 1.56 18.08
N VAL A 290 6.44 1.89 17.50
CA VAL A 290 7.53 2.52 18.22
C VAL A 290 7.92 3.79 17.48
N LEU A 291 8.29 4.84 18.22
CA LEU A 291 8.58 6.13 17.64
C LEU A 291 9.95 6.11 16.96
N ASP A 292 10.91 5.38 17.55
CA ASP A 292 12.23 5.23 16.97
C ASP A 292 12.18 4.15 15.89
N SER A 293 12.53 4.52 14.66
CA SER A 293 12.45 3.64 13.50
C SER A 293 13.52 2.55 13.55
N ASP A 294 14.61 2.80 14.28
CA ASP A 294 15.70 1.84 14.35
C ASP A 294 15.29 0.60 15.12
N GLN A 295 14.31 0.73 16.02
CA GLN A 295 13.94 -0.34 16.93
C GLN A 295 12.62 -0.99 16.53
N ARG A 296 11.95 -0.44 15.50
CA ARG A 296 10.79 -1.10 14.92
C ARG A 296 11.21 -2.46 14.35
N VAL A 297 10.28 -3.42 14.39
CA VAL A 297 10.53 -4.76 13.88
C VAL A 297 10.65 -4.70 12.36
N SER A 298 11.40 -5.66 11.80
CA SER A 298 11.50 -5.82 10.36
C SER A 298 10.35 -6.71 9.88
N ALA A 299 9.92 -6.50 8.63
CA ALA A 299 8.90 -7.33 8.01
C ALA A 299 9.28 -8.81 8.12
N ALA A 300 10.57 -9.10 7.93
CA ALA A 300 11.11 -10.46 7.96
C ALA A 300 11.10 -11.00 9.38
N GLU A 301 11.63 -10.21 10.32
CA GLU A 301 11.70 -10.58 11.72
C GLU A 301 10.30 -10.88 12.26
N ALA A 302 9.33 -10.03 11.84
CA ALA A 302 7.97 -10.04 12.38
C ALA A 302 7.24 -11.35 12.05
N LEU A 303 7.53 -11.92 10.88
CA LEU A 303 6.96 -13.20 10.47
C LEU A 303 7.46 -14.32 11.40
N ALA A 304 8.69 -14.18 11.89
CA ALA A 304 9.28 -15.16 12.80
C ALA A 304 8.50 -15.22 14.11
N HIS A 305 7.85 -14.11 14.48
CA HIS A 305 7.16 -13.96 15.75
C HIS A 305 6.19 -15.12 15.98
N ALA A 306 5.98 -15.45 17.26
CA ALA A 306 5.20 -16.61 17.67
C ALA A 306 3.71 -16.40 17.43
N TYR A 307 3.30 -15.20 17.00
CA TYR A 307 1.92 -14.93 16.64
C TYR A 307 1.60 -15.61 15.31
N PHE A 308 2.61 -15.72 14.44
CA PHE A 308 2.44 -16.32 13.13
C PHE A 308 3.03 -17.73 13.11
N SER A 309 3.12 -18.37 14.29
CA SER A 309 3.69 -19.69 14.42
C SER A 309 2.85 -20.72 13.66
N GLN A 310 1.57 -20.41 13.46
CA GLN A 310 0.63 -21.30 12.79
C GLN A 310 0.78 -21.22 11.27
N TYR A 311 1.48 -20.19 10.78
CA TYR A 311 1.53 -19.87 9.36
C TYR A 311 2.97 -19.74 8.86
N HIS A 312 3.87 -19.20 9.69
CA HIS A 312 5.25 -18.95 9.31
C HIS A 312 5.87 -20.18 8.66
N ASP A 313 6.43 -19.98 7.46
CA ASP A 313 7.27 -20.97 6.80
C ASP A 313 8.46 -20.24 6.21
N PRO A 314 9.70 -20.43 6.73
CA PRO A 314 10.86 -19.67 6.27
C PRO A 314 11.14 -19.86 4.78
N GLU A 315 10.79 -21.04 4.27
CA GLU A 315 11.04 -21.41 2.88
C GLU A 315 10.08 -20.64 1.96
N ASP A 316 8.80 -20.63 2.34
CA ASP A 316 7.76 -20.01 1.51
C ASP A 316 7.51 -18.57 1.97
N GLU A 317 8.61 -17.81 2.10
CA GLU A 317 8.53 -16.37 2.37
C GLU A 317 9.60 -15.69 1.53
N PRO A 318 9.40 -15.62 0.19
CA PRO A 318 10.46 -15.21 -0.71
C PRO A 318 10.74 -13.70 -0.67
N GLU A 319 11.97 -13.34 -1.02
CA GLU A 319 12.36 -11.96 -1.25
C GLU A 319 12.19 -11.66 -2.74
N ALA A 320 12.33 -10.38 -3.10
CA ALA A 320 12.18 -9.94 -4.48
C ALA A 320 13.55 -9.57 -5.07
N GLU A 321 13.59 -9.45 -6.40
CA GLU A 321 14.77 -9.00 -7.12
C GLU A 321 15.00 -7.52 -6.85
N PRO A 322 16.27 -7.05 -6.78
CA PRO A 322 16.54 -5.62 -6.64
C PRO A 322 15.91 -4.85 -7.79
N TYR A 323 15.26 -3.72 -7.46
CA TYR A 323 14.58 -2.90 -8.45
C TYR A 323 15.56 -1.89 -9.05
N ASP A 324 15.65 -1.86 -10.38
CA ASP A 324 16.58 -1.00 -11.07
C ASP A 324 15.96 0.39 -11.20
N GLU A 325 16.60 1.39 -10.56
CA GLU A 325 16.14 2.77 -10.59
C GLU A 325 16.79 3.53 -11.75
N SER A 326 17.87 2.95 -12.31
CA SER A 326 18.78 3.63 -13.23
C SER A 326 18.04 4.47 -14.26
N VAL A 327 17.12 3.83 -14.99
CA VAL A 327 16.37 4.50 -16.06
C VAL A 327 15.61 5.70 -15.49
N GLU A 328 14.86 5.48 -14.41
CA GLU A 328 14.02 6.51 -13.83
C GLU A 328 14.89 7.64 -13.27
N ALA A 329 16.00 7.27 -12.63
CA ALA A 329 16.92 8.23 -12.03
C ALA A 329 17.73 8.91 -13.14
N LYS A 330 17.04 9.58 -14.06
CA LYS A 330 17.66 10.27 -15.17
C LYS A 330 16.65 11.24 -15.79
N GLU A 331 17.10 12.46 -16.09
CA GLU A 331 16.26 13.49 -16.65
C GLU A 331 15.95 13.15 -18.10
N ARG A 332 14.66 13.24 -18.47
CA ARG A 332 14.23 13.02 -19.85
C ARG A 332 13.00 13.88 -20.14
N THR A 333 12.77 14.11 -21.45
CA THR A 333 11.60 14.84 -21.91
C THR A 333 10.39 13.92 -21.93
N LEU A 334 9.20 14.50 -22.16
CA LEU A 334 7.96 13.75 -22.15
C LEU A 334 8.00 12.66 -23.22
N GLU A 335 8.43 13.02 -24.43
CA GLU A 335 8.41 12.13 -25.58
C GLU A 335 9.25 10.88 -25.32
N GLU A 336 10.27 11.01 -24.47
CA GLU A 336 11.12 9.89 -24.10
C GLU A 336 10.38 8.97 -23.12
N TRP A 337 9.71 9.58 -22.13
CA TRP A 337 8.84 8.84 -21.21
C TRP A 337 7.69 8.21 -21.99
N LYS A 338 7.21 8.93 -23.01
CA LYS A 338 6.11 8.48 -23.84
C LYS A 338 6.51 7.21 -24.59
N GLU A 339 7.67 7.26 -25.26
CA GLU A 339 8.17 6.16 -26.07
C GLU A 339 8.61 4.99 -25.20
N LEU A 340 9.43 5.29 -24.18
CA LEU A 340 9.91 4.30 -23.23
C LEU A 340 8.73 3.49 -22.69
N THR A 341 7.62 4.18 -22.39
CA THR A 341 6.42 3.55 -21.85
C THR A 341 5.75 2.67 -22.91
N TYR A 342 5.67 3.16 -24.15
CA TYR A 342 5.07 2.44 -25.26
C TYR A 342 5.74 1.07 -25.42
N GLN A 343 7.06 1.04 -25.25
CA GLN A 343 7.84 -0.17 -25.37
C GLN A 343 7.49 -1.16 -24.25
N GLU A 344 7.41 -0.64 -23.03
CA GLU A 344 7.11 -1.45 -21.85
C GLU A 344 5.68 -2.00 -21.92
N VAL A 345 4.76 -1.25 -22.52
CA VAL A 345 3.39 -1.70 -22.72
C VAL A 345 3.41 -2.89 -23.67
N LEU A 346 4.00 -2.67 -24.86
CA LEU A 346 3.96 -3.64 -25.94
C LEU A 346 4.71 -4.92 -25.56
N SER A 347 5.83 -4.76 -24.84
CA SER A 347 6.71 -5.88 -24.54
C SER A 347 6.10 -6.85 -23.52
N PHE A 348 5.02 -6.42 -22.84
CA PHE A 348 4.32 -7.30 -21.91
C PHE A 348 3.60 -8.40 -22.68
#